data_5LAL
#
_entry.id   5LAL
#
_cell.length_a   101.090
_cell.length_b   101.090
_cell.length_c   90.240
_cell.angle_alpha   90.000
_cell.angle_beta   90.000
_cell.angle_gamma   120.000
#
_symmetry.space_group_name_H-M   'H 3'
#
loop_
_entity.id
_entity.type
_entity.pdbx_description
1 polymer 'Dirigent protein 6'
2 branched beta-D-xylopyranose-(1-2)-[alpha-D-mannopyranose-(1-6)]beta-D-mannopyranose-(1-4)-2-acetamido-2-deoxy-beta-D-glucopyranose-(1-4)-2-acetamido-2-deoxy-beta-D-glucopyranose
3 branched 2-acetamido-2-deoxy-beta-D-glucopyranose-(1-4)-2-acetamido-2-deoxy-beta-D-glucopyranose
4 branched beta-D-xylopyranose-(1-2)-[alpha-D-mannopyranose-(1-6)]beta-D-mannopyranose-(1-4)-2-acetamido-2-deoxy-beta-D-glucopyranose-(1-4)-[alpha-L-fucopyranose-(1-3)]2-acetamido-2-deoxy-beta-D-glucopyranose
5 branched beta-D-xylopyranose-(1-2)-[alpha-D-mannopyranose-(1-3)][alpha-D-mannopyranose-(1-6)]beta-D-mannopyranose-(1-4)-2-acetamido-2-deoxy-beta-D-glucopyranose-(1-4)-[alpha-L-fucopyranose-(1-3)]2-acetamido-2-deoxy-beta-D-glucopyranose
6 non-polymer alpha-D-mannopyranose
7 non-polymer alpha-L-fucopyranose
8 non-polymer 1,2-ETHANEDIOL
9 non-polymer GLYCINE
10 water water
#
_entity_poly.entity_id   1
_entity_poly.type   'polypeptide(L)'
_entity_poly.pdbx_seq_one_letter_code
;FRKTIDQKKPCKHFSFYFHDILYDGDNVANATSAAIVSPPGLGNFKFGKFVIFDGPITMDKNYLSKPVARAQGFYFYDMK
MDFNSWFSYTLVFNSTEHKGTLNIMGADLMMEPTRDLSVVGGTGDFFMARGIATFVTDLFQGAKYFRVKMDIKLYECY
;
_entity_poly.pdbx_strand_id   A,B
#
loop_
_chem_comp.id
_chem_comp.type
_chem_comp.name
_chem_comp.formula
BMA D-saccharide, beta linking beta-D-mannopyranose 'C6 H12 O6'
EDO non-polymer 1,2-ETHANEDIOL 'C2 H6 O2'
FUC L-saccharide, alpha linking alpha-L-fucopyranose 'C6 H12 O5'
MAN D-saccharide, alpha linking alpha-D-mannopyranose 'C6 H12 O6'
NAG D-saccharide, beta linking 2-acetamido-2-deoxy-beta-D-glucopyranose 'C8 H15 N O6'
XYP D-saccharide, beta linking beta-D-xylopyranose 'C5 H10 O5'
#
# COMPACT_ATOMS: atom_id res chain seq x y z
N ASP A 6 -5.69 -4.42 -3.05
CA ASP A 6 -5.80 -4.89 -4.42
C ASP A 6 -4.41 -5.27 -4.91
N GLN A 7 -3.77 -6.19 -4.21
CA GLN A 7 -2.40 -6.60 -4.52
C GLN A 7 -1.90 -7.59 -3.47
N LYS A 8 -0.62 -7.91 -3.48
CA LYS A 8 -0.08 -8.89 -2.54
C LYS A 8 0.12 -8.29 -1.16
N LYS A 9 0.97 -7.26 -1.05
CA LYS A 9 1.30 -6.69 0.25
C LYS A 9 0.24 -5.67 0.67
N PRO A 10 -0.26 -5.75 1.89
CA PRO A 10 -1.25 -4.77 2.33
C PRO A 10 -0.61 -3.43 2.74
N CYS A 11 -1.45 -2.40 2.81
CA CYS A 11 -0.99 -1.10 3.28
CA CYS A 11 -0.98 -1.10 3.29
C CYS A 11 -0.99 -0.98 4.80
N LYS A 12 -1.67 -1.87 5.52
CA LYS A 12 -1.62 -1.88 6.97
C LYS A 12 -1.88 -3.33 7.36
N HIS A 13 -1.10 -3.84 8.30
CA HIS A 13 -1.19 -5.23 8.73
C HIS A 13 -1.11 -5.25 10.26
N PHE A 14 -2.11 -5.86 10.90
CA PHE A 14 -2.18 -6.12 12.34
C PHE A 14 -2.31 -7.61 12.56
N SER A 15 -1.68 -8.11 13.62
CA SER A 15 -1.84 -9.49 14.03
C SER A 15 -2.07 -9.47 15.54
N PHE A 16 -3.15 -10.07 16.00
CA PHE A 16 -3.45 -10.10 17.43
C PHE A 16 -4.47 -11.21 17.70
N TYR A 17 -4.79 -11.42 18.97
CA TYR A 17 -5.60 -12.55 19.43
C TYR A 17 -6.93 -12.08 19.98
N PHE A 18 -7.99 -12.74 19.54
CA PHE A 18 -9.33 -12.57 20.05
C PHE A 18 -9.66 -13.72 20.99
N HIS A 19 -10.28 -13.40 22.12
CA HIS A 19 -10.64 -14.38 23.15
C HIS A 19 -12.15 -14.40 23.34
N ASP A 20 -12.71 -15.61 23.54
CA ASP A 20 -14.14 -15.76 23.79
C ASP A 20 -14.32 -16.69 24.99
N ILE A 21 -15.02 -16.19 26.02
CA ILE A 21 -15.36 -16.98 27.22
C ILE A 21 -16.88 -16.97 27.31
N LEU A 22 -17.49 -18.08 26.93
CA LEU A 22 -18.94 -18.14 26.87
C LEU A 22 -19.56 -18.13 28.27
N TYR A 23 -20.63 -17.40 28.41
CA TYR A 23 -21.43 -17.43 29.64
C TYR A 23 -22.02 -18.82 29.86
N ASP A 24 -21.83 -19.37 31.06
CA ASP A 24 -22.29 -20.73 31.34
C ASP A 24 -23.40 -20.77 32.37
N GLY A 25 -23.98 -19.61 32.69
CA GLY A 25 -25.01 -19.52 33.70
C GLY A 25 -24.50 -19.10 35.05
N ASP A 26 -23.19 -19.22 35.27
CA ASP A 26 -22.57 -19.07 36.59
C ASP A 26 -21.28 -18.24 36.57
N ASN A 27 -20.90 -17.62 35.47
CA ASN A 27 -19.60 -16.93 35.36
C ASN A 27 -19.77 -15.51 34.79
N VAL A 28 -20.70 -14.73 35.35
CA VAL A 28 -20.99 -13.40 34.78
C VAL A 28 -19.72 -12.56 34.70
N ALA A 29 -18.91 -12.54 35.78
CA ALA A 29 -17.76 -11.65 35.80
C ALA A 29 -16.70 -12.02 34.77
N ASN A 30 -16.55 -13.31 34.46
CA ASN A 30 -15.48 -13.76 33.58
C ASN A 30 -15.91 -13.86 32.13
N ALA A 31 -17.19 -13.98 31.86
CA ALA A 31 -17.65 -14.25 30.50
C ALA A 31 -17.53 -13.00 29.64
N THR A 32 -17.29 -13.23 28.34
CA THR A 32 -17.24 -12.17 27.34
C THR A 32 -18.32 -12.31 26.29
N SER A 33 -19.09 -13.38 26.33
CA SER A 33 -20.03 -13.68 25.28
C SER A 33 -21.16 -14.52 25.86
N ALA A 34 -22.27 -14.60 25.15
CA ALA A 34 -23.37 -15.44 25.60
C ALA A 34 -24.17 -15.89 24.40
N ALA A 35 -24.57 -17.15 24.43
CA ALA A 35 -25.54 -17.65 23.46
C ALA A 35 -26.90 -17.12 23.79
N ILE A 36 -27.65 -16.78 22.75
CA ILE A 36 -28.97 -16.21 22.95
C ILE A 36 -30.09 -17.19 22.64
N VAL A 37 -29.79 -18.32 22.01
CA VAL A 37 -30.76 -19.37 21.69
C VAL A 37 -30.11 -20.71 21.94
N SER A 38 -30.94 -21.69 22.25
CA SER A 38 -30.54 -23.08 22.14
C SER A 38 -30.42 -23.47 20.65
N PRO A 39 -29.55 -24.40 20.31
CA PRO A 39 -29.50 -24.87 18.92
C PRO A 39 -30.80 -25.57 18.59
N PRO A 40 -31.34 -25.40 17.38
CA PRO A 40 -32.64 -26.03 17.08
C PRO A 40 -32.60 -27.54 17.00
N GLY A 41 -31.42 -28.13 16.85
CA GLY A 41 -31.29 -29.58 16.70
C GLY A 41 -31.09 -30.08 15.30
N LEU A 42 -30.47 -29.31 14.43
CA LEU A 42 -30.18 -29.73 13.05
C LEU A 42 -28.78 -30.31 13.07
N GLY A 43 -28.68 -31.60 13.35
CA GLY A 43 -27.39 -32.22 13.52
C GLY A 43 -26.85 -31.99 14.93
N ASN A 44 -25.65 -32.52 15.14
CA ASN A 44 -25.05 -32.60 16.47
C ASN A 44 -23.90 -31.63 16.65
N PHE A 45 -23.76 -30.64 15.77
CA PHE A 45 -22.64 -29.69 15.79
C PHE A 45 -23.10 -28.27 16.05
N LYS A 46 -24.20 -28.15 16.77
CA LYS A 46 -24.68 -26.87 17.29
CA LYS A 46 -24.67 -26.87 17.29
C LYS A 46 -25.18 -25.92 16.21
N PHE A 47 -25.59 -26.43 15.05
CA PHE A 47 -26.18 -25.58 14.00
C PHE A 47 -27.21 -24.64 14.60
N GLY A 48 -27.04 -23.37 14.31
CA GLY A 48 -27.99 -22.35 14.74
C GLY A 48 -27.70 -21.73 16.09
N LYS A 49 -26.78 -22.27 16.89
CA LYS A 49 -26.38 -21.62 18.14
CA LYS A 49 -26.38 -21.62 18.14
C LYS A 49 -25.78 -20.27 17.81
N PHE A 50 -26.33 -19.21 18.40
CA PHE A 50 -26.02 -17.83 18.03
C PHE A 50 -25.47 -17.13 19.26
N VAL A 51 -24.29 -16.52 19.13
CA VAL A 51 -23.55 -15.98 20.27
C VAL A 51 -23.24 -14.51 20.00
N ILE A 52 -23.53 -13.66 20.98
CA ILE A 52 -23.13 -12.27 20.94
C ILE A 52 -21.93 -12.09 21.87
N PHE A 53 -20.96 -11.29 21.43
CA PHE A 53 -19.73 -11.14 22.18
C PHE A 53 -19.23 -9.70 22.24
N ASP A 54 -18.48 -9.44 23.33
CA ASP A 54 -17.70 -8.20 23.52
C ASP A 54 -16.38 -8.66 24.17
N GLY A 55 -15.44 -9.06 23.34
CA GLY A 55 -14.25 -9.72 23.83
C GLY A 55 -13.00 -8.92 23.61
N PRO A 56 -11.95 -9.25 24.37
CA PRO A 56 -10.70 -8.51 24.29
C PRO A 56 -9.86 -8.99 23.13
N ILE A 57 -9.11 -8.03 22.58
CA ILE A 57 -8.09 -8.25 21.56
C ILE A 57 -6.76 -7.93 22.23
N THR A 58 -5.87 -8.91 22.29
CA THR A 58 -4.59 -8.81 22.98
C THR A 58 -3.44 -9.09 22.01
N MET A 59 -2.25 -8.55 22.32
CA MET A 59 -1.10 -8.82 21.48
C MET A 59 -0.46 -10.17 21.74
N ASP A 60 -0.61 -10.70 22.94
CA ASP A 60 -0.13 -12.05 23.26
C ASP A 60 -1.32 -12.97 23.50
N LYS A 61 -1.06 -14.19 23.92
CA LYS A 61 -2.08 -15.23 24.00
C LYS A 61 -2.83 -15.25 25.34
N ASN A 62 -2.59 -14.30 26.21
CA ASN A 62 -3.18 -14.27 27.54
C ASN A 62 -4.44 -13.42 27.50
N TYR A 63 -5.59 -14.03 27.79
CA TYR A 63 -6.86 -13.28 27.80
C TYR A 63 -6.91 -12.20 28.88
N LEU A 64 -5.98 -12.21 29.83
CA LEU A 64 -5.93 -11.19 30.86
C LEU A 64 -5.00 -10.03 30.52
N SER A 65 -4.30 -10.09 29.40
CA SER A 65 -3.41 -9.01 28.99
C SER A 65 -4.20 -7.73 28.71
N LYS A 66 -3.52 -6.60 28.82
CA LYS A 66 -4.15 -5.32 28.56
C LYS A 66 -4.64 -5.30 27.13
N PRO A 67 -5.93 -5.09 26.86
CA PRO A 67 -6.42 -5.14 25.49
C PRO A 67 -5.95 -3.95 24.67
N VAL A 68 -5.69 -4.22 23.40
CA VAL A 68 -5.39 -3.17 22.43
C VAL A 68 -6.65 -2.74 21.68
N ALA A 69 -7.71 -3.53 21.76
CA ALA A 69 -8.99 -3.25 21.12
C ALA A 69 -9.99 -4.22 21.73
N ARG A 70 -11.25 -4.04 21.34
CA ARG A 70 -12.30 -4.98 21.65
C ARG A 70 -12.95 -5.39 20.34
N ALA A 71 -13.48 -6.62 20.34
CA ALA A 71 -14.28 -7.13 19.25
C ALA A 71 -15.71 -7.28 19.74
N GLN A 72 -16.64 -6.61 19.07
CA GLN A 72 -18.06 -6.60 19.42
C GLN A 72 -18.86 -7.05 18.21
N GLY A 73 -19.70 -8.05 18.41
CA GLY A 73 -20.50 -8.56 17.31
C GLY A 73 -21.06 -9.92 17.63
N PHE A 74 -21.15 -10.80 16.64
CA PHE A 74 -21.76 -12.09 16.85
C PHE A 74 -21.11 -13.13 15.97
N TYR A 75 -21.31 -14.37 16.37
CA TYR A 75 -21.02 -15.51 15.54
C TYR A 75 -22.13 -16.54 15.73
N PHE A 76 -22.26 -17.41 14.74
CA PHE A 76 -23.13 -18.57 14.91
C PHE A 76 -22.57 -19.79 14.23
N TYR A 77 -22.95 -20.95 14.72
CA TYR A 77 -22.59 -22.20 14.06
C TYR A 77 -23.60 -22.55 12.98
N ASP A 78 -23.12 -23.15 11.89
CA ASP A 78 -23.99 -23.27 10.73
C ASP A 78 -23.73 -24.50 9.87
N MET A 79 -23.30 -25.62 10.47
CA MET A 79 -23.10 -26.84 9.70
CA MET A 79 -23.10 -26.84 9.71
C MET A 79 -23.73 -28.02 10.42
N LYS A 80 -24.36 -28.90 9.63
CA LYS A 80 -25.11 -30.03 10.16
C LYS A 80 -24.18 -31.17 10.59
N MET A 81 -23.11 -31.41 9.84
CA MET A 81 -22.34 -32.64 9.98
C MET A 81 -20.93 -32.44 10.53
N ASP A 82 -20.57 -31.20 10.87
CA ASP A 82 -19.28 -30.85 11.43
C ASP A 82 -19.45 -29.41 11.91
N PHE A 83 -18.46 -28.91 12.62
CA PHE A 83 -18.49 -27.52 13.10
C PHE A 83 -18.09 -26.55 12.00
N ASN A 84 -18.85 -25.45 11.89
CA ASN A 84 -18.56 -24.36 10.97
C ASN A 84 -19.23 -23.13 11.58
N SER A 85 -18.71 -21.95 11.30
CA SER A 85 -19.29 -20.77 11.89
C SER A 85 -19.25 -19.59 10.93
N TRP A 86 -19.89 -18.53 11.36
CA TRP A 86 -20.07 -17.33 10.55
C TRP A 86 -20.02 -16.15 11.50
N PHE A 87 -19.32 -15.11 11.12
CA PHE A 87 -19.07 -13.97 11.99
C PHE A 87 -19.43 -12.64 11.34
N SER A 88 -19.88 -11.71 12.15
CA SER A 88 -19.93 -10.30 11.79
CA SER A 88 -19.93 -10.29 11.79
C SER A 88 -19.65 -9.49 13.05
N TYR A 89 -18.71 -8.58 12.96
CA TYR A 89 -18.30 -7.86 14.15
C TYR A 89 -17.55 -6.59 13.78
N THR A 90 -17.26 -5.83 14.83
CA THR A 90 -16.51 -4.58 14.77
C THR A 90 -15.33 -4.70 15.71
N LEU A 91 -14.15 -4.36 15.23
CA LEU A 91 -13.01 -4.12 16.10
C LEU A 91 -13.05 -2.67 16.48
N VAL A 92 -13.07 -2.41 17.79
CA VAL A 92 -13.21 -1.07 18.36
C VAL A 92 -11.88 -0.72 19.04
N PHE A 93 -11.21 0.30 18.50
CA PHE A 93 -9.96 0.81 19.07
C PHE A 93 -10.21 2.12 19.80
N ASN A 94 -9.71 2.20 21.02
CA ASN A 94 -9.85 3.39 21.85
C ASN A 94 -8.62 3.52 22.74
N SER A 95 -7.47 3.70 22.10
CA SER A 95 -6.20 3.85 22.82
C SER A 95 -5.49 5.10 22.32
N THR A 96 -4.44 5.49 23.05
CA THR A 96 -3.65 6.63 22.58
C THR A 96 -3.10 6.38 21.19
N GLU A 97 -2.97 5.10 20.80
CA GLU A 97 -2.36 4.72 19.53
C GLU A 97 -3.37 4.73 18.37
N HIS A 98 -4.56 4.14 18.55
CA HIS A 98 -5.57 4.07 17.50
C HIS A 98 -6.95 4.37 18.09
N LYS A 99 -7.73 5.16 17.37
CA LYS A 99 -9.11 5.43 17.75
C LYS A 99 -9.92 5.26 16.48
N GLY A 100 -10.82 4.30 16.48
CA GLY A 100 -11.61 4.05 15.29
C GLY A 100 -12.16 2.64 15.35
N THR A 101 -12.74 2.22 14.23
CA THR A 101 -13.36 0.90 14.15
C THR A 101 -13.11 0.28 12.79
N LEU A 102 -13.15 -1.07 12.75
CA LEU A 102 -13.09 -1.86 11.53
C LEU A 102 -14.26 -2.82 11.54
N ASN A 103 -14.98 -2.91 10.44
CA ASN A 103 -16.17 -3.76 10.32
C ASN A 103 -15.83 -4.96 9.44
N ILE A 104 -16.14 -6.15 9.94
CA ILE A 104 -15.67 -7.41 9.38
C ILE A 104 -16.83 -8.40 9.32
N MET A 105 -16.89 -9.21 8.26
CA MET A 105 -17.90 -10.27 8.17
CA MET A 105 -17.91 -10.26 8.16
C MET A 105 -17.42 -11.37 7.24
N GLY A 106 -17.90 -12.58 7.53
CA GLY A 106 -17.72 -13.67 6.60
C GLY A 106 -17.73 -15.02 7.26
N ALA A 107 -17.33 -16.02 6.47
CA ALA A 107 -17.49 -17.41 6.85
C ALA A 107 -16.23 -17.87 7.58
N ASP A 108 -16.38 -18.26 8.83
CA ASP A 108 -15.27 -18.81 9.61
C ASP A 108 -15.29 -20.31 9.39
N LEU A 109 -14.61 -20.75 8.32
CA LEU A 109 -14.54 -22.15 7.90
C LEU A 109 -13.62 -22.91 8.87
N MET A 110 -14.23 -23.37 9.96
CA MET A 110 -13.49 -23.95 11.08
C MET A 110 -12.69 -25.17 10.71
N MET A 111 -13.06 -25.89 9.65
CA MET A 111 -12.35 -27.09 9.24
CA MET A 111 -12.35 -27.09 9.24
C MET A 111 -11.13 -26.80 8.39
N GLU A 112 -10.83 -25.54 8.15
CA GLU A 112 -9.70 -25.17 7.30
C GLU A 112 -8.56 -24.63 8.15
N PRO A 113 -7.31 -24.90 7.78
CA PRO A 113 -6.17 -24.35 8.55
C PRO A 113 -6.14 -22.85 8.62
N THR A 114 -6.66 -22.19 7.59
CA THR A 114 -6.73 -20.74 7.55
C THR A 114 -7.97 -20.37 6.73
N ARG A 115 -8.53 -19.20 7.05
CA ARG A 115 -9.71 -18.77 6.30
C ARG A 115 -9.81 -17.26 6.38
N ASP A 116 -10.45 -16.68 5.38
CA ASP A 116 -10.48 -15.24 5.22
C ASP A 116 -11.91 -14.71 5.28
N LEU A 117 -12.05 -13.62 6.03
CA LEU A 117 -13.27 -12.83 6.12
C LEU A 117 -12.99 -11.48 5.49
N SER A 118 -14.04 -10.69 5.19
CA SER A 118 -13.88 -9.40 4.55
C SER A 118 -13.86 -8.27 5.58
N VAL A 119 -12.90 -7.36 5.43
CA VAL A 119 -12.97 -6.07 6.11
C VAL A 119 -13.74 -5.16 5.17
N VAL A 120 -14.97 -4.82 5.57
CA VAL A 120 -15.90 -4.13 4.68
C VAL A 120 -15.98 -2.64 4.90
N GLY A 121 -15.38 -2.12 5.96
CA GLY A 121 -15.39 -0.69 6.18
C GLY A 121 -14.61 -0.38 7.44
N GLY A 122 -14.44 0.91 7.69
CA GLY A 122 -13.74 1.37 8.86
C GLY A 122 -14.07 2.82 9.10
N THR A 123 -13.81 3.24 10.31
CA THR A 123 -14.18 4.58 10.77
C THR A 123 -13.04 5.13 11.61
N GLY A 124 -13.05 6.45 11.79
CA GLY A 124 -12.05 7.08 12.65
C GLY A 124 -10.69 6.99 12.00
N ASP A 125 -9.70 6.50 12.76
CA ASP A 125 -8.38 6.30 12.18
C ASP A 125 -8.39 5.27 11.06
N PHE A 126 -9.46 4.47 10.93
CA PHE A 126 -9.58 3.47 9.88
C PHE A 126 -10.61 3.85 8.82
N PHE A 127 -10.94 5.13 8.76
CA PHE A 127 -11.88 5.66 7.79
C PHE A 127 -11.76 5.02 6.43
N MET A 128 -12.85 4.39 6.00
CA MET A 128 -13.04 3.83 4.66
CA MET A 128 -13.03 3.83 4.66
C MET A 128 -12.09 2.66 4.35
N ALA A 129 -11.57 2.02 5.38
CA ALA A 129 -10.72 0.85 5.16
C ALA A 129 -11.46 -0.23 4.42
N ARG A 130 -10.70 -1.03 3.67
CA ARG A 130 -11.20 -2.27 3.09
CA ARG A 130 -11.20 -2.27 3.09
C ARG A 130 -10.05 -3.26 3.04
N GLY A 131 -10.37 -4.54 3.21
CA GLY A 131 -9.34 -5.56 3.16
C GLY A 131 -9.86 -6.91 3.59
N ILE A 132 -8.97 -7.67 4.20
CA ILE A 132 -9.16 -9.08 4.54
C ILE A 132 -8.80 -9.27 6.00
N ALA A 133 -9.57 -10.11 6.67
CA ALA A 133 -9.25 -10.56 8.02
C ALA A 133 -9.07 -12.06 7.97
N THR A 134 -7.86 -12.53 8.27
CA THR A 134 -7.55 -13.95 8.25
C THR A 134 -7.66 -14.49 9.67
N PHE A 135 -8.36 -15.61 9.82
CA PHE A 135 -8.52 -16.30 11.10
C PHE A 135 -7.72 -17.60 11.07
N VAL A 136 -6.99 -17.83 12.15
CA VAL A 136 -6.44 -19.16 12.45
C VAL A 136 -6.86 -19.47 13.89
N THR A 137 -7.16 -20.73 14.17
CA THR A 137 -7.48 -21.14 15.53
C THR A 137 -6.19 -21.32 16.30
N ASP A 138 -6.09 -20.65 17.44
CA ASP A 138 -4.93 -20.85 18.28
C ASP A 138 -5.20 -21.90 19.34
N LEU A 139 -6.38 -21.86 19.98
CA LEU A 139 -6.73 -22.84 21.00
C LEU A 139 -8.24 -22.85 21.17
N PHE A 140 -8.82 -24.02 21.39
CA PHE A 140 -10.17 -24.10 21.91
C PHE A 140 -10.16 -25.09 23.06
N GLN A 141 -10.98 -24.82 24.05
CA GLN A 141 -11.11 -25.69 25.22
C GLN A 141 -12.58 -26.06 25.34
N GLY A 142 -12.89 -27.26 24.86
CA GLY A 142 -14.28 -27.70 24.83
C GLY A 142 -15.14 -26.61 24.26
N ALA A 143 -16.26 -26.34 24.94
CA ALA A 143 -17.15 -25.24 24.58
C ALA A 143 -17.01 -24.04 25.50
N LYS A 144 -15.95 -23.96 26.29
CA LYS A 144 -15.82 -22.93 27.31
C LYS A 144 -15.01 -21.72 26.85
N TYR A 145 -14.00 -21.94 26.02
CA TYR A 145 -13.09 -20.87 25.67
C TYR A 145 -12.54 -21.14 24.29
N PHE A 146 -12.31 -20.07 23.52
CA PHE A 146 -11.46 -20.21 22.35
C PHE A 146 -10.68 -18.94 22.12
N ARG A 147 -9.59 -19.09 21.39
CA ARG A 147 -8.72 -17.98 21.03
CA ARG A 147 -8.73 -17.97 21.03
C ARG A 147 -8.43 -18.08 19.54
N VAL A 148 -8.63 -16.99 18.82
CA VAL A 148 -8.39 -16.92 17.38
C VAL A 148 -7.28 -15.90 17.14
N LYS A 149 -6.29 -16.28 16.34
CA LYS A 149 -5.33 -15.30 15.84
C LYS A 149 -5.95 -14.63 14.61
N MET A 150 -6.13 -13.31 14.69
CA MET A 150 -6.73 -12.51 13.63
CA MET A 150 -6.70 -12.53 13.62
C MET A 150 -5.61 -11.69 12.99
N ASP A 151 -5.44 -11.85 11.70
CA ASP A 151 -4.49 -11.06 10.91
CA ASP A 151 -4.48 -11.07 10.91
C ASP A 151 -5.29 -10.13 10.02
N ILE A 152 -5.21 -8.84 10.30
CA ILE A 152 -5.96 -7.82 9.58
C ILE A 152 -5.05 -7.27 8.49
N LYS A 153 -5.48 -7.38 7.24
CA LYS A 153 -4.70 -6.88 6.11
C LYS A 153 -5.57 -5.89 5.34
N LEU A 154 -5.24 -4.60 5.45
CA LEU A 154 -5.96 -3.55 4.75
C LEU A 154 -5.29 -3.30 3.41
N TYR A 155 -6.11 -3.19 2.37
CA TYR A 155 -5.62 -2.93 1.03
C TYR A 155 -6.09 -1.59 0.48
N GLU A 156 -6.98 -0.93 1.19
CA GLU A 156 -7.29 0.48 0.95
C GLU A 156 -7.09 1.19 2.27
N CYS A 157 -6.22 2.18 2.28
CA CYS A 157 -5.89 2.96 3.46
CA CYS A 157 -5.90 2.96 3.46
C CYS A 157 -5.95 4.42 3.07
N TYR A 158 -6.83 5.17 3.71
CA TYR A 158 -7.01 6.59 3.38
C TYR A 158 -6.56 7.46 4.54
N THR B 4 -4.16 -2.10 -4.51
CA THR B 4 -3.79 -1.54 -3.23
C THR B 4 -3.64 -0.05 -3.39
N ILE B 5 -4.24 0.71 -2.49
CA ILE B 5 -4.12 2.16 -2.48
C ILE B 5 -3.88 2.62 -1.06
N ASP B 6 -2.82 3.41 -0.87
CA ASP B 6 -2.39 3.87 0.44
C ASP B 6 -1.99 5.32 0.34
N GLN B 7 -2.65 6.19 1.11
CA GLN B 7 -2.32 7.60 1.12
C GLN B 7 -1.30 7.98 2.18
N LYS B 8 -1.08 7.14 3.20
CA LYS B 8 -0.17 7.48 4.30
C LYS B 8 1.29 7.25 3.94
N LYS B 9 1.56 6.39 2.96
CA LYS B 9 2.91 6.02 2.57
C LYS B 9 2.80 5.16 1.31
N PRO B 10 3.88 5.02 0.56
CA PRO B 10 3.77 4.33 -0.74
C PRO B 10 3.69 2.83 -0.56
N CYS B 11 3.10 2.19 -1.57
CA CYS B 11 3.10 0.74 -1.66
CA CYS B 11 3.10 0.74 -1.66
C CYS B 11 4.26 0.18 -2.48
N LYS B 12 5.01 1.04 -3.18
CA LYS B 12 6.23 0.61 -3.85
C LYS B 12 7.10 1.85 -3.92
N HIS B 13 8.38 1.70 -3.59
CA HIS B 13 9.32 2.84 -3.53
C HIS B 13 10.66 2.44 -4.15
N PHE B 14 11.09 3.16 -5.18
CA PHE B 14 12.37 2.95 -5.85
C PHE B 14 13.16 4.23 -5.76
N SER B 15 14.48 4.11 -5.69
CA SER B 15 15.36 5.27 -5.70
C SER B 15 16.54 4.93 -6.60
N PHE B 16 16.86 5.83 -7.54
CA PHE B 16 17.97 5.61 -8.47
C PHE B 16 18.36 6.93 -9.11
N TYR B 17 19.37 6.89 -9.99
CA TYR B 17 19.94 8.11 -10.59
C TYR B 17 19.69 8.13 -12.09
N PHE B 18 19.24 9.29 -12.59
CA PHE B 18 19.10 9.58 -14.01
C PHE B 18 20.25 10.47 -14.42
N HIS B 19 20.84 10.15 -15.57
CA HIS B 19 21.96 10.91 -16.13
C HIS B 19 21.60 11.50 -17.47
N ASP B 20 22.05 12.73 -17.72
CA ASP B 20 21.85 13.41 -19.00
C ASP B 20 23.16 13.96 -19.51
N ILE B 21 23.60 13.50 -20.68
CA ILE B 21 24.80 14.00 -21.37
C ILE B 21 24.33 14.59 -22.70
N LEU B 22 24.28 15.92 -22.80
CA LEU B 22 23.79 16.56 -24.01
C LEU B 22 24.76 16.37 -25.17
N TYR B 23 24.21 16.11 -26.34
CA TYR B 23 24.98 16.15 -27.59
C TYR B 23 25.56 17.53 -27.83
N ASP B 24 26.86 17.60 -28.09
CA ASP B 24 27.52 18.90 -28.24
C ASP B 24 28.09 19.09 -29.63
N GLY B 25 27.69 18.26 -30.60
CA GLY B 25 28.21 18.30 -31.94
C GLY B 25 29.37 17.36 -32.17
N ASP B 26 30.04 16.92 -31.12
CA ASP B 26 31.29 16.17 -31.24
C ASP B 26 31.35 14.93 -30.37
N ASN B 27 30.23 14.49 -29.79
CA ASN B 27 30.25 13.42 -28.78
C ASN B 27 29.10 12.43 -29.01
N VAL B 28 28.89 11.99 -30.26
CA VAL B 28 27.78 11.09 -30.57
C VAL B 28 27.78 9.84 -29.68
N ALA B 29 28.95 9.20 -29.54
CA ALA B 29 29.00 7.96 -28.78
C ALA B 29 28.68 8.13 -27.31
N ASN B 30 28.98 9.28 -26.73
CA ASN B 30 28.80 9.48 -25.30
C ASN B 30 27.44 10.09 -24.95
N ALA B 31 26.82 10.80 -25.87
CA ALA B 31 25.67 11.62 -25.55
C ALA B 31 24.43 10.74 -25.35
N THR B 32 23.54 11.21 -24.48
CA THR B 32 22.27 10.54 -24.24
C THR B 32 21.09 11.40 -24.62
N SER B 33 21.31 12.64 -24.99
CA SER B 33 20.21 13.54 -25.24
C SER B 33 20.66 14.57 -26.27
N ALA B 34 19.72 15.32 -26.83
CA ALA B 34 20.08 16.38 -27.75
C ALA B 34 18.98 17.44 -27.73
N ALA B 35 19.42 18.69 -27.75
CA ALA B 35 18.51 19.81 -27.94
C ALA B 35 18.09 19.83 -29.40
N ILE B 36 16.82 20.08 -29.61
CA ILE B 36 16.28 20.10 -30.96
C ILE B 36 16.01 21.50 -31.49
N VAL B 37 16.06 22.52 -30.63
CA VAL B 37 15.93 23.92 -31.00
C VAL B 37 16.92 24.74 -30.22
N SER B 38 17.27 25.90 -30.79
CA SER B 38 17.89 26.97 -30.03
C SER B 38 16.85 27.67 -29.15
N PRO B 39 17.25 28.17 -27.99
CA PRO B 39 16.33 29.00 -27.17
C PRO B 39 15.93 30.24 -27.97
N PRO B 40 14.66 30.64 -27.96
CA PRO B 40 14.28 31.81 -28.76
C PRO B 40 14.80 33.13 -28.25
N GLY B 41 15.29 33.21 -27.03
CA GLY B 41 15.83 34.43 -26.50
C GLY B 41 14.93 35.14 -25.52
N LEU B 42 14.02 34.43 -24.84
CA LEU B 42 13.16 35.00 -23.82
C LEU B 42 13.88 34.93 -22.48
N GLY B 43 14.66 35.96 -22.18
CA GLY B 43 15.49 35.94 -21.00
C GLY B 43 16.75 35.16 -21.19
N ASN B 44 17.55 35.10 -20.11
CA ASN B 44 18.90 34.58 -20.18
C ASN B 44 19.05 33.19 -19.61
N PHE B 45 17.96 32.45 -19.42
CA PHE B 45 18.01 31.15 -18.76
C PHE B 45 17.48 30.02 -19.65
N LYS B 46 17.66 30.18 -20.94
CA LYS B 46 17.43 29.12 -21.92
CA LYS B 46 17.42 29.13 -21.93
C LYS B 46 15.96 28.76 -22.09
N PHE B 47 15.05 29.67 -21.75
CA PHE B 47 13.62 29.46 -21.97
C PHE B 47 13.39 28.93 -23.37
N GLY B 48 12.69 27.80 -23.45
CA GLY B 48 12.33 27.21 -24.72
C GLY B 48 13.28 26.17 -25.24
N LYS B 49 14.49 26.05 -24.70
CA LYS B 49 15.40 24.99 -25.11
CA LYS B 49 15.40 24.99 -25.11
C LYS B 49 14.75 23.65 -24.80
N PHE B 50 14.60 22.81 -25.82
CA PHE B 50 13.83 21.59 -25.73
C PHE B 50 14.76 20.43 -26.06
N VAL B 51 14.84 19.45 -25.15
CA VAL B 51 15.77 18.35 -25.22
C VAL B 51 15.04 17.02 -25.21
N ILE B 52 15.37 16.17 -26.18
CA ILE B 52 14.92 14.78 -26.17
C ILE B 52 16.03 13.90 -25.63
N PHE B 53 15.67 12.92 -24.78
CA PHE B 53 16.66 12.06 -24.14
C PHE B 53 16.26 10.59 -24.14
N ASP B 54 17.31 9.73 -24.09
CA ASP B 54 17.22 8.30 -23.85
C ASP B 54 18.39 8.00 -22.92
N GLY B 55 18.14 8.17 -21.62
CA GLY B 55 19.20 8.19 -20.65
C GLY B 55 19.17 6.99 -19.75
N PRO B 56 20.31 6.68 -19.14
CA PRO B 56 20.35 5.51 -18.26
C PRO B 56 19.90 5.84 -16.86
N ILE B 57 19.25 4.85 -16.24
CA ILE B 57 18.90 4.87 -14.83
C ILE B 57 19.81 3.85 -14.13
N THR B 58 20.54 4.31 -13.12
CA THR B 58 21.57 3.51 -12.46
C THR B 58 21.34 3.52 -10.96
N MET B 59 21.84 2.45 -10.30
CA MET B 59 21.70 2.39 -8.84
C MET B 59 22.73 3.25 -8.14
N ASP B 60 23.89 3.46 -8.75
CA ASP B 60 24.91 4.33 -8.17
C ASP B 60 25.05 5.58 -9.03
N LYS B 61 26.07 6.38 -8.76
CA LYS B 61 26.21 7.69 -9.39
C LYS B 61 27.01 7.65 -10.69
N ASN B 62 27.32 6.47 -11.22
CA ASN B 62 28.19 6.33 -12.38
C ASN B 62 27.33 6.19 -13.63
N TYR B 63 27.42 7.18 -14.53
CA TYR B 63 26.66 7.11 -15.77
C TYR B 63 27.06 5.92 -16.64
N LEU B 64 28.20 5.26 -16.34
CA LEU B 64 28.64 4.08 -17.08
C LEU B 64 28.16 2.77 -16.47
N SER B 65 27.48 2.81 -15.34
CA SER B 65 26.98 1.60 -14.70
C SER B 65 25.93 0.90 -15.57
N LYS B 66 25.79 -0.41 -15.37
CA LYS B 66 24.75 -1.16 -16.06
C LYS B 66 23.39 -0.59 -15.69
N PRO B 67 22.57 -0.17 -16.65
CA PRO B 67 21.29 0.45 -16.29
C PRO B 67 20.30 -0.55 -15.74
N VAL B 68 19.48 -0.09 -14.80
CA VAL B 68 18.35 -0.89 -14.35
C VAL B 68 17.09 -0.51 -15.09
N ALA B 69 17.14 0.59 -15.85
CA ALA B 69 16.01 1.08 -16.65
C ALA B 69 16.58 2.15 -17.55
N ARG B 70 15.80 2.58 -18.52
CA ARG B 70 16.13 3.75 -19.31
C ARG B 70 14.98 4.73 -19.16
N ALA B 71 15.30 6.00 -19.23
CA ALA B 71 14.31 7.07 -19.22
C ALA B 71 14.31 7.70 -20.60
N GLN B 72 13.16 7.70 -21.26
CA GLN B 72 13.00 8.16 -22.64
C GLN B 72 11.90 9.20 -22.63
N GLY B 73 12.19 10.37 -23.14
CA GLY B 73 11.20 11.43 -23.17
C GLY B 73 11.85 12.75 -23.45
N PHE B 74 11.34 13.81 -22.84
CA PHE B 74 11.84 15.13 -23.10
C PHE B 74 11.75 16.01 -21.87
N TYR B 75 12.57 17.07 -21.89
CA TYR B 75 12.44 18.16 -20.96
C TYR B 75 12.66 19.45 -21.71
N PHE B 76 12.19 20.54 -21.14
CA PHE B 76 12.50 21.85 -21.68
C PHE B 76 12.62 22.87 -20.56
N TYR B 77 13.39 23.92 -20.81
CA TYR B 77 13.47 25.03 -19.86
C TYR B 77 12.33 26.00 -20.13
N ASP B 78 11.83 26.64 -19.07
CA ASP B 78 10.61 27.43 -19.23
C ASP B 78 10.49 28.59 -18.26
N MET B 79 11.61 29.21 -17.86
N MET B 79 11.60 29.20 -17.83
CA MET B 79 11.54 30.39 -17.01
CA MET B 79 11.48 30.40 -17.01
C MET B 79 12.39 31.53 -17.57
C MET B 79 12.38 31.51 -17.52
N LYS B 80 11.87 32.74 -17.46
CA LYS B 80 12.56 33.89 -18.04
CA LYS B 80 12.56 33.89 -18.04
C LYS B 80 13.67 34.40 -17.14
N MET B 81 13.46 34.39 -15.83
CA MET B 81 14.39 35.09 -14.93
C MET B 81 15.26 34.17 -14.10
N ASP B 82 15.13 32.86 -14.27
CA ASP B 82 15.92 31.87 -13.55
C ASP B 82 15.71 30.57 -14.32
N PHE B 83 16.39 29.52 -13.88
CA PHE B 83 16.26 28.20 -14.50
C PHE B 83 15.05 27.48 -13.94
N ASN B 84 14.22 26.93 -14.83
CA ASN B 84 13.13 26.05 -14.44
C ASN B 84 12.87 25.13 -15.61
N SER B 85 12.32 23.95 -15.33
CA SER B 85 12.15 22.99 -16.41
C SER B 85 10.85 22.24 -16.24
N TRP B 86 10.54 21.47 -17.28
CA TRP B 86 9.32 20.70 -17.35
C TRP B 86 9.66 19.40 -18.06
N PHE B 87 9.15 18.29 -17.57
CA PHE B 87 9.50 16.96 -18.05
C PHE B 87 8.27 16.13 -18.41
N SER B 88 8.41 15.29 -19.43
CA SER B 88 7.48 14.19 -19.67
CA SER B 88 7.48 14.19 -19.69
C SER B 88 8.29 13.03 -20.22
N TYR B 89 8.16 11.87 -19.59
CA TYR B 89 9.01 10.75 -19.99
C TYR B 89 8.44 9.43 -19.51
N THR B 90 9.04 8.36 -20.01
CA THR B 90 8.74 7.00 -19.64
C THR B 90 10.00 6.34 -19.07
N LEU B 91 9.88 5.72 -17.91
CA LEU B 91 10.88 4.79 -17.44
C LEU B 91 10.56 3.44 -18.01
N VAL B 92 11.50 2.86 -18.73
CA VAL B 92 11.33 1.60 -19.44
C VAL B 92 12.19 0.56 -18.70
N PHE B 93 11.52 -0.44 -18.13
CA PHE B 93 12.18 -1.52 -17.38
C PHE B 93 12.15 -2.81 -18.20
N ASN B 94 13.31 -3.44 -18.37
CA ASN B 94 13.42 -4.69 -19.15
C ASN B 94 14.49 -5.57 -18.49
N SER B 95 14.26 -5.92 -17.23
CA SER B 95 15.20 -6.68 -16.45
C SER B 95 14.50 -7.89 -15.87
N THR B 96 15.31 -8.85 -15.41
CA THR B 96 14.74 -10.01 -14.72
C THR B 96 13.94 -9.60 -13.49
N GLU B 97 14.12 -8.36 -13.01
CA GLU B 97 13.45 -7.85 -11.81
C GLU B 97 12.19 -7.03 -12.10
N HIS B 98 12.18 -6.23 -13.16
CA HIS B 98 11.00 -5.42 -13.48
C HIS B 98 10.86 -5.36 -14.98
N LYS B 99 9.62 -5.49 -15.45
CA LYS B 99 9.35 -5.43 -16.88
C LYS B 99 8.09 -4.61 -17.06
N GLY B 100 8.21 -3.46 -17.71
CA GLY B 100 7.06 -2.59 -17.83
C GLY B 100 7.54 -1.15 -18.00
N THR B 101 6.59 -0.23 -17.87
CA THR B 101 6.91 1.18 -18.01
C THR B 101 6.15 1.98 -16.97
N LEU B 102 6.69 3.15 -16.65
CA LEU B 102 6.04 4.16 -15.83
C LEU B 102 6.09 5.47 -16.60
N ASN B 103 4.97 6.16 -16.68
CA ASN B 103 4.91 7.43 -17.36
C ASN B 103 4.83 8.56 -16.34
N ILE B 104 5.65 9.57 -16.53
CA ILE B 104 5.88 10.62 -15.55
C ILE B 104 5.82 11.97 -16.24
N MET B 105 5.21 12.96 -15.61
CA MET B 105 5.13 14.29 -16.20
CA MET B 105 5.12 14.29 -16.20
C MET B 105 5.02 15.33 -15.10
N GLY B 106 5.54 16.52 -15.39
CA GLY B 106 5.26 17.65 -14.53
C GLY B 106 6.36 18.68 -14.53
N ALA B 107 6.07 19.78 -13.84
CA ALA B 107 7.05 20.84 -13.64
C ALA B 107 8.18 20.38 -12.72
N ASP B 108 9.41 20.60 -13.16
CA ASP B 108 10.62 20.35 -12.38
C ASP B 108 11.13 21.69 -11.89
N LEU B 109 10.73 22.04 -10.66
CA LEU B 109 11.07 23.33 -10.06
C LEU B 109 12.51 23.22 -9.58
N MET B 110 13.41 23.40 -10.53
CA MET B 110 14.73 22.76 -10.43
C MET B 110 15.66 23.48 -9.46
N MET B 111 15.34 24.69 -9.05
CA MET B 111 16.17 25.35 -8.06
C MET B 111 15.70 25.08 -6.63
N GLU B 112 14.55 24.38 -6.45
CA GLU B 112 14.11 23.90 -5.14
C GLU B 112 14.88 22.66 -4.74
N PRO B 113 15.10 22.46 -3.44
CA PRO B 113 15.90 21.30 -3.01
C PRO B 113 15.27 19.98 -3.37
N THR B 114 13.95 19.88 -3.32
CA THR B 114 13.25 18.68 -3.72
C THR B 114 11.98 19.10 -4.42
N ARG B 115 11.56 18.33 -5.41
CA ARG B 115 10.32 18.67 -6.11
C ARG B 115 9.66 17.43 -6.69
N ASP B 116 8.36 17.51 -6.87
CA ASP B 116 7.53 16.35 -7.13
C ASP B 116 6.89 16.46 -8.50
N LEU B 117 6.96 15.37 -9.25
CA LEU B 117 6.27 15.20 -10.50
C LEU B 117 5.29 14.04 -10.35
N SER B 118 4.34 13.94 -11.28
CA SER B 118 3.30 12.93 -11.24
C SER B 118 3.70 11.66 -11.98
N VAL B 119 3.52 10.49 -11.35
CA VAL B 119 3.50 9.23 -12.07
C VAL B 119 2.05 9.02 -12.49
N VAL B 120 1.77 9.10 -13.80
CA VAL B 120 0.40 9.15 -14.32
C VAL B 120 -0.07 7.84 -14.90
N GLY B 121 0.78 6.83 -14.97
CA GLY B 121 0.35 5.57 -15.50
C GLY B 121 1.51 4.65 -15.64
N GLY B 122 1.19 3.42 -15.99
CA GLY B 122 2.18 2.40 -16.18
C GLY B 122 1.63 1.22 -16.96
N THR B 123 2.54 0.36 -17.36
CA THR B 123 2.25 -0.79 -18.22
C THR B 123 3.07 -1.96 -17.72
N GLY B 124 2.68 -3.17 -18.13
CA GLY B 124 3.44 -4.34 -17.74
C GLY B 124 3.32 -4.58 -16.25
N ASP B 125 4.46 -4.79 -15.58
CA ASP B 125 4.48 -4.90 -14.13
C ASP B 125 3.88 -3.69 -13.42
N PHE B 126 3.86 -2.52 -14.06
CA PHE B 126 3.42 -1.30 -13.44
C PHE B 126 2.03 -0.87 -13.93
N PHE B 127 1.33 -1.80 -14.56
CA PHE B 127 -0.04 -1.66 -15.02
C PHE B 127 -0.89 -0.89 -14.02
N MET B 128 -1.40 0.27 -14.46
N MET B 128 -1.41 0.26 -14.45
CA MET B 128 -2.35 1.09 -13.72
CA MET B 128 -2.38 1.05 -13.69
C MET B 128 -1.76 1.75 -12.49
C MET B 128 -1.76 1.77 -12.49
N ALA B 129 -0.44 1.94 -12.47
CA ALA B 129 0.20 2.60 -11.34
C ALA B 129 -0.11 4.10 -11.32
N ARG B 130 -0.10 4.66 -10.11
CA ARG B 130 -0.13 6.10 -9.89
C ARG B 130 0.72 6.44 -8.67
N GLY B 131 1.37 7.58 -8.74
CA GLY B 131 2.19 8.03 -7.62
C GLY B 131 2.94 9.29 -7.95
N ILE B 132 4.08 9.43 -7.29
CA ILE B 132 4.89 10.63 -7.30
C ILE B 132 6.32 10.27 -7.67
N ALA B 133 6.93 11.10 -8.52
CA ALA B 133 8.35 11.02 -8.78
C ALA B 133 9.00 12.23 -8.12
N THR B 134 9.91 12.01 -7.20
CA THR B 134 10.57 13.11 -6.51
C THR B 134 11.97 13.29 -7.07
N PHE B 135 12.32 14.51 -7.46
CA PHE B 135 13.63 14.82 -8.01
C PHE B 135 14.46 15.59 -6.98
N VAL B 136 15.71 15.19 -6.81
CA VAL B 136 16.71 15.97 -6.09
C VAL B 136 17.94 16.04 -6.98
N THR B 137 18.48 17.23 -7.19
CA THR B 137 19.68 17.38 -8.00
C THR B 137 20.87 16.79 -7.26
N ASP B 138 21.57 15.86 -7.91
CA ASP B 138 22.80 15.30 -7.37
C ASP B 138 24.05 16.00 -7.91
N LEU B 139 24.06 16.39 -9.18
CA LEU B 139 25.19 17.09 -9.78
C LEU B 139 24.73 17.79 -11.06
N PHE B 140 25.15 19.04 -11.24
CA PHE B 140 24.96 19.79 -12.47
C PHE B 140 26.36 20.26 -12.89
N GLN B 141 26.75 19.96 -14.15
CA GLN B 141 28.02 20.42 -14.71
C GLN B 141 27.77 21.29 -15.92
N GLY B 142 27.89 22.61 -15.72
CA GLY B 142 27.63 23.57 -16.78
C GLY B 142 26.38 23.16 -17.52
N ALA B 143 26.43 23.14 -18.85
CA ALA B 143 25.35 22.64 -19.70
C ALA B 143 25.72 21.32 -20.39
N LYS B 144 26.65 20.56 -19.80
CA LYS B 144 27.16 19.32 -20.38
C LYS B 144 26.54 18.08 -19.76
N TYR B 145 26.25 18.10 -18.47
CA TYR B 145 25.87 16.90 -17.74
C TYR B 145 25.03 17.29 -16.55
N PHE B 146 24.01 16.48 -16.26
CA PHE B 146 23.38 16.55 -14.96
C PHE B 146 22.97 15.17 -14.53
N ARG B 147 22.84 15.03 -13.21
CA ARG B 147 22.47 13.78 -12.56
CA ARG B 147 22.46 13.79 -12.56
C ARG B 147 21.40 14.11 -11.53
N VAL B 148 20.25 13.43 -11.62
CA VAL B 148 19.13 13.61 -10.70
C VAL B 148 18.91 12.32 -9.93
N LYS B 149 18.77 12.43 -8.62
CA LYS B 149 18.24 11.32 -7.84
C LYS B 149 16.73 11.33 -7.97
N MET B 150 16.19 10.24 -8.49
CA MET B 150 14.76 10.08 -8.72
CA MET B 150 14.77 10.10 -8.70
C MET B 150 14.26 9.06 -7.71
N ASP B 151 13.31 9.49 -6.88
CA ASP B 151 12.60 8.60 -5.95
CA ASP B 151 12.60 8.62 -5.94
C ASP B 151 11.18 8.38 -6.49
N ILE B 152 10.87 7.14 -6.87
CA ILE B 152 9.56 6.79 -7.41
C ILE B 152 8.74 6.20 -6.28
N LYS B 153 7.62 6.85 -5.96
CA LYS B 153 6.75 6.37 -4.89
C LYS B 153 5.38 6.10 -5.50
N LEU B 154 4.97 4.85 -5.49
CA LEU B 154 3.70 4.50 -6.08
C LEU B 154 2.72 4.32 -4.93
N TYR B 155 1.57 4.97 -5.02
CA TYR B 155 0.56 4.95 -3.97
C TYR B 155 -0.68 4.18 -4.38
N GLU B 156 -0.74 3.76 -5.63
CA GLU B 156 -1.71 2.79 -6.11
C GLU B 156 -0.90 1.74 -6.84
N CYS B 157 -1.04 0.48 -6.41
CA CYS B 157 -0.19 -0.62 -6.87
CA CYS B 157 -0.20 -0.62 -6.87
C CYS B 157 -1.03 -1.86 -7.07
N TYR B 158 -0.65 -2.65 -8.06
CA TYR B 158 -1.31 -3.91 -8.34
C TYR B 158 -0.28 -4.96 -8.73
C1 NAG C . -12.27 -17.45 33.03
C2 NAG C . -11.82 -18.16 34.31
C3 NAG C . -10.55 -18.98 34.07
C4 NAG C . -10.75 -19.89 32.86
C5 NAG C . -11.21 -19.07 31.67
C6 NAG C . -11.49 -19.89 30.44
C7 NAG C . -12.40 -17.15 36.46
C8 NAG C . -12.05 -16.09 37.48
N2 NAG C . -11.61 -17.20 35.38
O3 NAG C . -10.27 -19.76 35.23
O4 NAG C . -9.50 -20.47 32.51
O5 NAG C . -12.44 -18.40 32.00
O6 NAG C . -12.47 -20.89 30.68
O7 NAG C . -13.33 -17.92 36.63
H1 NAG C . -11.58 -16.81 32.77
H2 NAG C . -12.53 -18.78 34.58
H3 NAG C . -9.81 -18.37 33.90
H4 NAG C . -11.40 -20.58 33.07
H5 NAG C . -10.53 -18.39 31.46
H61 NAG C . -10.66 -20.32 30.15
H62 NAG C . -11.81 -19.30 29.72
H81 NAG C . -12.67 -16.13 38.21
H82 NAG C . -11.14 -16.25 37.80
H83 NAG C . -12.09 -15.22 37.05
HN2 NAG C . -10.92 -16.61 35.31
HO6 NAG C . -12.50 -21.46 30.00
C1 NAG C . -9.54 -21.83 32.27
C2 NAG C . -8.22 -22.21 31.61
C3 NAG C . -8.12 -23.73 31.49
C4 NAG C . -8.35 -24.40 32.83
C5 NAG C . -9.66 -23.91 33.44
C6 NAG C . -9.91 -24.45 34.83
C7 NAG C . -7.38 -20.54 30.01
C8 NAG C . -7.44 -20.06 28.59
N2 NAG C . -8.13 -21.60 30.29
O3 NAG C . -6.83 -24.07 31.00
O4 NAG C . -8.40 -25.82 32.69
O5 NAG C . -9.64 -22.49 33.55
O6 NAG C . -11.19 -24.01 35.28
O7 NAG C . -6.69 -19.97 30.86
H1 NAG C . -10.27 -22.11 31.69
H2 NAG C . -7.49 -21.89 32.17
H3 NAG C . -8.79 -24.04 30.86
H4 NAG C . -7.62 -24.18 33.44
H5 NAG C . -10.40 -24.18 32.85
H61 NAG C . -9.90 -25.43 34.81
H62 NAG C . -9.22 -24.11 35.44
H81 NAG C . -8.35 -19.82 28.37
H82 NAG C . -6.86 -19.29 28.48
H83 NAG C . -7.14 -20.78 28.00
HN2 NAG C . -8.62 -21.96 29.61
HO3 NAG C . -6.25 -23.44 31.22
HO6 NAG C . -11.28 -23.15 35.12
C1 BMA C . -7.38 -26.46 33.50
C2 BMA C . -7.84 -27.89 33.65
C3 BMA C . -6.73 -28.72 34.30
C4 BMA C . -5.38 -28.48 33.59
C5 BMA C . -5.07 -26.97 33.52
C6 BMA C . -3.82 -26.62 32.81
O2 BMA C . -8.08 -28.48 32.38
O3 BMA C . -7.05 -30.12 34.27
O4 BMA C . -4.33 -29.17 34.29
O5 BMA C . -6.18 -26.37 32.80
O6 BMA C . -3.86 -27.27 31.53
H1 BMA C . -7.26 -26.00 34.51
H2 BMA C . -8.75 -27.91 34.28
H3 BMA C . -6.62 -28.44 35.35
H4 BMA C . -5.48 -28.85 32.55
H5 BMA C . -5.02 -26.56 34.55
H61 BMA C . -3.77 -25.52 32.71
H62 BMA C . -2.97 -26.96 33.42
HO4 BMA C . -3.51 -28.90 33.85
C1 XYP C . -9.31 -28.65 32.04
C2 XYP C . -9.50 -28.86 30.54
C3 XYP C . -10.86 -29.38 30.23
C4 XYP C . -11.20 -30.61 31.02
C5 XYP C . -10.95 -30.42 32.52
O2 XYP C . -9.30 -27.61 29.86
O3 XYP C . -10.95 -29.73 28.83
O4 XYP C . -12.60 -30.87 30.84
O5 XYP C . -9.59 -29.93 32.79
H1 XYP C . -9.94 -27.98 32.34
H2 XYP C . -8.83 -29.49 30.23
H3 XYP C . -11.51 -28.69 30.43
H4 XYP C . -10.69 -31.36 30.70
H51 XYP C . -11.08 -31.26 32.97
H52 XYP C . -11.59 -29.78 32.86
HO2 XYP C . -8.54 -27.30 30.06
HO3 XYP C . -11.50 -29.21 28.45
HO4 XYP C . -12.72 -31.71 30.77
C1 MAN C . -2.90 -26.80 30.79
C2 MAN C . -3.09 -27.49 29.47
C3 MAN C . -2.71 -28.96 29.61
C4 MAN C . -1.31 -29.04 30.14
C5 MAN C . -1.20 -28.30 31.44
C6 MAN C . 0.20 -28.27 31.95
O2 MAN C . -2.18 -26.94 28.54
O3 MAN C . -2.84 -29.60 28.34
O4 MAN C . -0.96 -30.36 30.39
O5 MAN C . -1.58 -26.93 31.23
O6 MAN C . 0.14 -27.68 33.22
H1 MAN C . -3.03 -25.72 30.67
H2 MAN C . -4.13 -27.39 29.15
H3 MAN C . -3.39 -29.47 30.32
H4 MAN C . -0.63 -28.57 29.41
H5 MAN C . -1.85 -28.77 32.19
H61 MAN C . 0.57 -29.31 32.00
H62 MAN C . 0.81 -27.70 31.25
HO2 MAN C . -2.62 -26.87 27.68
HO3 MAN C . -3.67 -30.08 28.38
HO4 MAN C . -0.71 -30.73 29.53
HO6 MAN C . -0.54 -27.00 33.20
C1 NAG D . -12.75 5.59 25.31
C2 NAG D . -14.14 5.36 25.87
C3 NAG D . -14.63 6.63 26.56
C4 NAG D . -13.63 7.06 27.62
C5 NAG D . -12.21 7.13 27.05
C6 NAG D . -11.16 7.32 28.11
C7 NAG D . -15.35 3.68 24.53
C8 NAG D . -14.68 2.64 25.38
N2 NAG D . -15.06 4.95 24.82
O3 NAG D . -15.89 6.39 27.18
O4 NAG D . -14.00 8.33 28.14
O5 NAG D . -11.87 5.93 26.35
O6 NAG D . -11.60 6.87 29.38
O7 NAG D . -16.13 3.38 23.63
H1 NAG D . -12.79 6.33 24.66
H2 NAG D . -14.09 4.66 26.54
H3 NAG D . -14.73 7.34 25.90
H4 NAG D . -13.64 6.41 28.36
H5 NAG D . -12.17 7.88 26.42
H61 NAG D . -10.36 6.82 27.86
H62 NAG D . -10.93 8.27 28.17
H81 NAG D . -14.93 2.76 26.32
H82 NAG D . -13.71 2.72 25.29
H83 NAG D . -14.96 1.75 25.09
HN2 NAG D . -15.46 5.61 24.32
HO3 NAG D . -16.49 6.98 26.88
HO6 NAG D . -10.97 7.02 29.98
C1 NAG D . -13.61 9.02 29.26
C2 NAG D . -14.10 10.44 29.52
C3 NAG D . -14.30 10.66 31.03
C4 NAG D . -15.17 9.55 31.63
C5 NAG D . -14.59 8.19 31.25
C6 NAG D . -15.42 7.03 31.73
C7 NAG D . -13.33 12.04 27.83
C8 NAG D . -12.26 13.02 27.45
N2 NAG D . -13.16 11.42 29.00
O3 NAG D . -14.92 11.91 31.25
O4 NAG D . -15.22 9.68 33.05
O5 NAG D . -14.51 8.08 29.83
O6 NAG D . -14.67 5.82 31.70
O7 NAG D . -14.30 11.84 27.12
H2 NAG D . -14.96 10.56 29.08
H3 NAG D . -13.43 10.65 31.47
H4 NAG D . -16.07 9.62 31.27
H5 NAG D . -13.69 8.11 31.63
H61 NAG D . -16.21 6.94 31.17
H62 NAG D . -15.72 7.19 32.65
H81 NAG D . -12.47 13.42 26.59
H82 NAG D . -11.40 12.55 27.39
H83 NAG D . -12.19 13.71 28.13
HN2 NAG D . -12.42 11.61 29.50
HO3 NAG D . -15.50 11.86 31.93
HO4 NAG D . -15.74 10.37 33.26
HO6 NAG D . -14.95 5.27 32.34
C1 NAG E . 30.91 11.62 -21.37
C2 NAG E . 32.44 11.78 -21.45
C3 NAG E . 33.01 12.07 -20.06
C4 NAG E . 32.24 13.22 -19.41
C5 NAG E . 30.73 12.96 -19.47
C6 NAG E . 29.87 14.07 -18.93
C7 NAG E . 33.62 10.64 -23.27
C8 NAG E . 34.21 9.34 -23.74
N2 NAG E . 33.08 10.63 -22.05
O3 NAG E . 34.40 12.40 -20.18
O4 NAG E . 32.64 13.37 -18.05
O5 NAG E . 30.34 12.77 -20.85
O6 NAG E . 30.15 15.32 -19.55
O7 NAG E . 33.69 11.66 -23.97
H1 NAG E . 30.70 10.85 -20.79
H2 NAG E . 32.63 12.56 -22.01
H3 NAG E . 32.92 11.27 -19.51
H4 NAG E . 32.44 14.05 -19.89
H5 NAG E . 30.53 12.14 -18.98
H61 NAG E . 28.93 13.85 -19.09
H62 NAG E . 30.03 14.14 -17.97
H81 NAG E . 34.58 9.45 -24.64
H82 NAG E . 33.52 8.66 -23.75
H83 NAG E . 34.93 9.07 -23.13
HN2 NAG E . 33.07 9.83 -21.59
HO6 NAG E . 30.07 15.25 -20.43
C1 NAG E . 32.88 14.63 -17.64
C2 NAG E . 32.95 14.62 -16.12
C3 NAG E . 33.47 15.96 -15.60
C4 NAG E . 34.78 16.35 -16.26
C5 NAG E . 34.61 16.30 -17.77
C6 NAG E . 35.90 16.59 -18.53
C7 NAG E . 31.36 13.11 -15.01
C8 NAG E . 29.99 12.97 -14.46
N2 NAG E . 31.67 14.29 -15.52
O3 NAG E . 33.67 15.86 -14.19
O4 NAG E . 35.15 17.68 -15.89
O5 NAG E . 34.18 15.00 -18.19
O6 NAG E . 35.61 16.74 -19.91
O7 NAG E . 32.15 12.16 -15.03
H1 NAG E . 32.22 15.28 -17.93
H2 NAG E . 33.60 13.94 -15.85
H3 NAG E . 32.80 16.65 -15.78
H4 NAG E . 35.48 15.73 -15.98
H5 NAG E . 33.94 16.96 -18.03
H61 NAG E . 36.30 17.40 -18.18
H62 NAG E . 36.51 15.84 -18.41
H81 NAG E . 29.34 13.13 -15.17
H82 NAG E . 29.86 12.07 -14.11
H83 NAG E . 29.86 13.62 -13.75
HN2 NAG E . 31.04 14.95 -15.50
HO3 NAG E . 33.57 16.67 -13.81
HO6 NAG E . 35.43 17.59 -20.08
C1 BMA E . 36.45 17.77 -15.23
C2 BMA E . 36.79 19.19 -15.16
C3 BMA E . 38.19 19.26 -14.51
C4 BMA E . 38.15 18.50 -13.18
C5 BMA E . 37.57 17.10 -13.33
C6 BMA E . 37.29 16.39 -12.03
O2 BMA E . 35.90 19.90 -14.33
O3 BMA E . 38.59 20.56 -14.32
O4 BMA E . 39.49 18.35 -12.74
O5 BMA E . 36.30 17.24 -13.99
O6 BMA E . 36.74 15.11 -12.38
H1 BMA E . 37.23 17.22 -15.78
H2 BMA E . 36.81 19.63 -16.17
H3 BMA E . 38.93 18.79 -15.16
H4 BMA E . 37.54 19.07 -12.46
H5 BMA E . 38.26 16.49 -13.93
H61 BMA E . 38.23 16.30 -11.46
H62 BMA E . 36.58 17.01 -11.46
HO2 BMA E . 36.44 20.53 -13.82
HO4 BMA E . 39.68 19.15 -12.21
C1 XYP E . 34.99 20.83 -14.89
C2 XYP E . 33.74 20.83 -13.99
C3 XYP E . 32.81 21.97 -14.25
C4 XYP E . 33.54 23.26 -14.25
C5 XYP E . 34.67 23.24 -15.29
O2 XYP E . 33.01 19.63 -14.23
O3 XYP E . 31.77 21.98 -13.22
O4 XYP E . 32.63 24.31 -14.56
O5 XYP E . 35.64 22.17 -15.00
H1 XYP E . 34.72 20.53 -15.78
H2 XYP E . 34.02 20.86 -13.06
H3 XYP E . 32.40 21.84 -15.12
H4 XYP E . 33.92 23.41 -13.38
H51 XYP E . 35.13 24.10 -15.28
H52 XYP E . 34.28 23.09 -16.17
HO2 XYP E . 33.20 19.07 -13.63
HO3 XYP E . 31.03 22.19 -13.58
HO4 XYP E . 33.02 25.06 -14.49
C1 MAN E . 36.44 14.49 -11.16
C2 MAN E . 36.09 13.14 -11.80
C3 MAN E . 34.71 13.21 -12.47
C4 MAN E . 33.68 13.82 -11.52
C5 MAN E . 34.13 15.18 -11.02
C6 MAN E . 33.15 15.77 -10.05
O2 MAN E . 35.99 12.12 -10.81
O3 MAN E . 34.25 11.94 -12.92
O4 MAN E . 32.44 14.03 -12.20
O5 MAN E . 35.42 15.03 -10.36
O6 MAN E . 33.65 17.03 -9.63
H1 MAN E . 37.29 14.37 -10.47
H2 MAN E . 36.86 12.88 -12.55
H3 MAN E . 34.78 13.86 -13.35
H4 MAN E . 33.56 13.15 -10.66
H5 MAN E . 34.22 15.86 -11.88
H61 MAN E . 32.17 15.88 -10.55
H62 MAN E . 33.04 15.07 -9.21
HO2 MAN E . 35.82 12.53 -9.96
HO3 MAN E . 34.83 11.73 -13.68
HO4 MAN E . 32.68 14.46 -13.05
HO6 MAN E . 34.62 16.97 -9.65
C1 FUC E . 35.27 11.22 -19.96
C2 FUC E . 36.62 11.71 -20.54
C3 FUC E . 37.17 12.91 -19.76
C4 FUC E . 37.22 12.57 -18.28
C5 FUC E . 35.85 12.09 -17.84
C6 FUC E . 35.82 11.66 -16.38
O2 FUC E . 36.49 12.07 -21.89
O3 FUC E . 38.51 13.18 -20.19
O4 FUC E . 38.17 11.53 -18.06
O5 FUC E . 35.38 10.97 -18.59
H1 FUC E . 34.98 10.27 -20.41
H2 FUC E . 37.34 10.90 -20.48
H3 FUC E . 36.53 13.79 -19.91
H4 FUC E . 37.47 13.48 -17.70
H5 FUC E . 35.15 12.93 -18.00
H61 FUC E . 34.81 11.32 -16.11
H62 FUC E . 36.09 12.50 -15.73
H63 FUC E . 36.52 10.84 -16.21
HO2 FUC E . 35.60 12.40 -21.99
HO3 FUC E . 38.98 12.33 -20.15
HO4 FUC E . 37.65 10.71 -18.05
C1 NAG F . 14.61 -7.31 -22.44
C2 NAG F . 14.57 -7.11 -23.95
C3 NAG F . 14.84 -8.44 -24.67
C4 NAG F . 16.13 -9.07 -24.15
C5 NAG F . 16.10 -9.15 -22.63
C6 NAG F . 17.40 -9.64 -22.04
C7 NAG F . 13.13 -5.43 -25.04
C8 NAG F . 11.73 -5.03 -25.35
N2 NAG F . 13.28 -6.58 -24.35
O3 NAG F . 14.96 -8.19 -26.07
O4 NAG F . 16.26 -10.37 -24.70
O5 NAG F . 15.87 -7.86 -22.07
O6 NAG F . 18.50 -8.85 -22.48
O7 NAG F . 14.10 -4.76 -25.38
H2 NAG F . 15.26 -6.47 -24.20
H3 NAG F . 14.10 -9.04 -24.51
H4 NAG F . 16.89 -8.52 -24.43
H5 NAG F . 15.38 -9.76 -22.36
H61 NAG F . 17.55 -10.57 -22.31
H62 NAG F . 17.35 -9.60 -21.07
H81 NAG F . 11.72 -4.19 -25.85
H82 NAG F . 11.22 -4.92 -24.52
H83 NAG F . 11.31 -5.73 -25.89
HN2 NAG F . 12.52 -7.04 -24.12
HO6 NAG F . 18.21 -8.04 -22.69
C1 NAG F . 17.53 -10.71 -25.01
C2 NAG F . 17.54 -12.24 -25.01
C3 NAG F . 18.79 -12.77 -25.71
C4 NAG F . 19.00 -12.10 -27.06
C5 NAG F . 18.91 -10.58 -26.94
C6 NAG F . 18.97 -9.88 -28.28
C7 NAG F . 16.37 -13.40 -23.19
C8 NAG F . 16.45 -13.85 -21.75
N2 NAG F . 17.44 -12.76 -23.66
O3 NAG F . 18.67 -14.17 -25.88
O4 NAG F . 20.30 -12.41 -27.56
O5 NAG F . 17.66 -10.22 -26.34
O6 NAG F . 18.75 -8.49 -28.17
O7 NAG F . 15.38 -13.60 -23.87
H2 NAG F . 16.76 -12.55 -25.52
H3 NAG F . 19.56 -12.59 -25.13
H4 NAG F . 18.33 -12.42 -27.68
H5 NAG F . 19.64 -10.25 -26.39
H61 NAG F . 18.28 -10.27 -28.87
H62 NAG F . 19.84 -10.04 -28.68
H81 NAG F . 15.62 -14.30 -21.51
H82 NAG F . 16.58 -13.07 -21.18
H83 NAG F . 17.20 -14.47 -21.65
HN2 NAG F . 18.15 -12.63 -23.09
HO3 NAG F . 19.42 -14.50 -26.23
HO6 NAG F . 19.28 -8.06 -28.74
C1 BMA F . 20.18 -13.40 -28.44
C2 BMA F . 21.56 -13.13 -29.05
C3 BMA F . 21.58 -13.64 -30.49
C4 BMA F . 21.09 -15.09 -30.58
C5 BMA F . 19.70 -15.22 -29.90
C6 BMA F . 19.19 -16.64 -29.82
O2 BMA F . 22.58 -13.81 -28.34
O3 BMA F . 22.87 -13.50 -31.09
O4 BMA F . 20.98 -15.45 -31.96
O5 BMA F . 19.79 -14.74 -28.56
O6 BMA F . 20.18 -17.43 -29.16
H2 BMA F . 21.74 -12.03 -29.04
H3 BMA F . 20.90 -13.03 -31.10
H4 BMA F . 21.79 -15.74 -30.05
H5 BMA F . 18.96 -14.63 -30.46
H61 BMA F . 19.00 -17.00 -30.84
H62 BMA F . 18.24 -16.62 -29.27
HO4 BMA F . 21.06 -16.42 -31.98
C1 XYP F . 23.04 -13.18 -27.42
C2 XYP F . 23.05 -14.42 -26.53
C3 XYP F . 23.89 -14.19 -25.32
C4 XYP F . 25.28 -13.77 -25.69
C5 XYP F . 25.27 -12.55 -26.62
O2 XYP F . 21.72 -14.75 -26.12
O3 XYP F . 23.94 -15.43 -24.55
O4 XYP F . 26.00 -13.46 -24.51
O5 XYP F . 24.42 -12.76 -27.81
H1 XYP F . 22.61 -12.46 -26.95
H2 XYP F . 23.43 -15.16 -27.04
H3 XYP F . 23.49 -13.50 -24.78
H4 XYP F . 25.71 -14.51 -26.15
H51 XYP F . 26.18 -12.37 -26.91
H52 XYP F . 24.94 -11.78 -26.13
HO2 XYP F . 21.34 -15.21 -26.74
HO3 XYP F . 24.35 -15.28 -23.81
HO4 XYP F . 26.79 -13.21 -24.72
C1 MAN F . 23.91 -12.58 -31.49
C2 MAN F . 22.99 -11.35 -31.70
C3 MAN F . 22.17 -11.55 -32.96
C4 MAN F . 23.10 -11.75 -34.14
C5 MAN F . 23.87 -13.07 -33.88
C6 MAN F . 24.80 -13.46 -35.01
O2 MAN F . 23.74 -10.16 -31.92
O3 MAN F . 21.27 -10.46 -33.18
O4 MAN F . 22.34 -11.85 -35.34
O5 MAN F . 24.66 -12.91 -32.67
O6 MAN F . 25.74 -14.42 -34.53
H1 MAN F . 24.68 -12.36 -30.75
H2 MAN F . 22.33 -11.25 -30.84
H3 MAN F . 21.55 -12.44 -32.85
H4 MAN F . 23.82 -10.93 -34.17
H5 MAN F . 23.14 -13.89 -33.74
H61 MAN F . 25.30 -12.55 -35.39
H62 MAN F . 24.18 -13.87 -35.82
HO2 MAN F . 23.20 -9.39 -31.68
HO3 MAN F . 20.70 -10.45 -32.40
HO4 MAN F . 22.41 -12.78 -35.62
HO6 MAN F . 25.64 -15.22 -35.06
C1 MAN F . 20.66 -18.41 -30.14
C2 MAN F . 19.64 -19.56 -30.12
C3 MAN F . 19.68 -20.27 -28.77
C4 MAN F . 21.12 -20.60 -28.34
C5 MAN F . 22.01 -19.32 -28.40
C6 MAN F . 23.50 -19.57 -28.13
O2 MAN F . 19.98 -20.53 -31.12
O3 MAN F . 18.86 -21.45 -28.78
O4 MAN F . 21.09 -21.13 -27.03
O5 MAN F . 21.94 -18.79 -29.71
O6 MAN F . 24.25 -18.46 -28.59
H1 MAN F . 20.82 -18.06 -31.17
H2 MAN F . 18.64 -19.13 -30.30
H3 MAN F . 19.24 -19.60 -28.01
H4 MAN F . 21.52 -21.34 -29.04
H5 MAN F . 21.64 -18.59 -27.67
H61 MAN F . 23.80 -20.50 -28.65
H62 MAN F . 23.62 -19.73 -27.05
HO2 MAN F . 20.12 -20.09 -31.96
HO3 MAN F . 17.99 -21.15 -29.04
HO4 MAN F . 20.48 -21.90 -27.07
HO6 MAN F . 25.07 -18.42 -28.06
C1 FUC F . 13.98 -8.44 -26.89
C2 FUC F . 14.51 -7.75 -28.16
C3 FUC F . 15.64 -8.58 -28.77
C4 FUC F . 15.14 -10.01 -29.07
C5 FUC F . 14.57 -10.63 -27.78
C6 FUC F . 13.90 -11.98 -27.98
O2 FUC F . 14.93 -6.42 -27.91
O3 FUC F . 16.11 -8.00 -30.00
O4 FUC F . 14.13 -9.96 -30.07
O5 FUC F . 13.57 -9.77 -27.14
H1 FUC F . 13.07 -7.93 -26.53
H2 FUC F . 13.69 -7.69 -28.89
H3 FUC F . 16.47 -8.65 -28.04
H4 FUC F . 15.99 -10.62 -29.39
H5 FUC F . 15.42 -10.74 -27.08
H61 FUC F . 13.51 -12.36 -27.04
H62 FUC F . 14.62 -12.70 -28.39
H63 FUC F . 13.07 -11.88 -28.69
HO2 FUC F . 14.90 -5.97 -28.77
HO3 FUC F . 16.12 -7.05 -29.85
HO4 FUC F . 14.32 -9.16 -30.58
C1 MAN G . -6.79 -30.67 35.75
C2 MAN G . -6.94 -32.18 35.42
C3 MAN G . -8.36 -32.51 34.99
C4 MAN G . -9.35 -31.94 36.02
C5 MAN G . -9.16 -30.42 36.07
C6 MAN G . -10.12 -29.72 37.00
O2 MAN G . -6.70 -32.99 36.56
O3 MAN G . -8.58 -33.92 34.82
O4 MAN G . -10.67 -32.26 35.64
O5 MAN G . -7.83 -30.14 36.53
O6 MAN G . -10.75 -28.67 36.27
H1 MAN G . -5.89 -30.52 36.38
H2 MAN G . -6.26 -32.43 34.60
H3 MAN G . -8.57 -32.04 34.03
H4 MAN G . -9.11 -32.35 37.02
H5 MAN G . -9.30 -30.01 35.05
H61 MAN G . -9.55 -29.33 37.86
H62 MAN G . -10.84 -30.46 37.37
HO2 MAN G . -7.06 -33.87 36.40
HO3 MAN G . -9.54 -34.02 34.69
HO4 MAN G . -11.16 -32.34 36.47
HO6 MAN G . -10.86 -27.92 36.87
C1 FUC H . -9.13 -18.99 36.09
C2 FUC H . -9.31 -19.88 37.35
C3 FUC H . -8.92 -21.33 37.06
C4 FUC H . -7.51 -21.36 36.49
C5 FUC H . -7.46 -20.49 35.25
C6 FUC H . -6.06 -20.44 34.65
O2 FUC H . -10.63 -19.84 37.85
O3 FUC H . -8.88 -22.07 38.27
O4 FUC H . -6.60 -20.86 37.45
O5 FUC H . -7.87 -19.11 35.54
H1 FUC H . -9.22 -17.94 36.35
H2 FUC H . -8.65 -19.50 38.13
H3 FUC H . -9.62 -21.77 36.35
H4 FUC H . -7.26 -22.40 36.19
H5 FUC H . -8.16 -20.92 34.52
H61 FUC H . -6.06 -19.80 33.76
H62 FUC H . -5.75 -21.44 34.36
H63 FUC H . -5.36 -20.04 35.37
HO2 FUC H . -10.79 -18.91 38.09
HO3 FUC H . -8.20 -21.66 38.81
HO4 FUC H . -5.74 -21.27 37.22
C1 EDO I . -2.17 -21.34 15.40
O1 EDO I . -0.81 -21.73 15.65
C2 EDO I . -2.30 -19.82 15.40
O2 EDO I . -1.83 -19.26 16.63
H11 EDO I . -2.50 -21.75 14.44
H12 EDO I . -2.81 -21.76 16.18
HO1 EDO I . -0.75 -22.69 15.65
H21 EDO I . -1.71 -19.41 14.57
H22 EDO I . -3.35 -19.55 15.25
HO2 EDO I . -1.92 -18.30 16.59
C1 EDO J . -6.77 3.87 7.35
O1 EDO J . -5.59 4.22 6.61
C2 EDO J . -7.96 4.55 6.68
O2 EDO J . -8.43 3.70 5.62
H11 EDO J . -6.90 2.78 7.35
H12 EDO J . -6.67 4.21 8.38
HO1 EDO J . -4.82 3.80 7.02
H21 EDO J . -8.75 4.71 7.41
H22 EDO J . -7.65 5.51 6.27
HO2 EDO J . -9.17 4.11 5.19
C1 EDO K . -9.37 -0.23 24.57
O1 EDO K . -9.82 -1.56 24.34
C2 EDO K . -8.11 0.04 23.76
O2 EDO K . -8.39 0.05 22.36
H11 EDO K . -10.14 0.49 24.28
H12 EDO K . -9.16 -0.09 25.63
HO1 EDO K . -10.63 -1.71 24.85
H21 EDO K . -7.68 1.00 24.06
H22 EDO K . -7.36 -0.74 23.99
HO2 EDO K . -7.57 0.22 21.87
C1 EDO L . -29.84 -19.04 25.63
O1 EDO L . -30.45 -19.33 26.89
C2 EDO L . -29.00 -20.22 25.17
O2 EDO L . -28.35 -20.83 26.29
H11 EDO L . -30.62 -18.84 24.88
H12 EDO L . -29.22 -18.15 25.71
HO1 EDO L . -30.99 -18.58 27.17
H21 EDO L . -29.62 -20.95 24.66
H22 EDO L . -28.24 -19.87 24.46
HO2 EDO L . -27.81 -21.58 25.98
C1 EDO M . -13.20 -28.05 13.14
O1 EDO M . -13.25 -27.36 14.39
C2 EDO M . -14.61 -28.10 12.57
O2 EDO M . -14.60 -28.40 11.17
H11 EDO M . -12.54 -27.53 12.44
H12 EDO M . -12.82 -29.06 13.28
HO1 EDO M . -12.36 -27.31 14.76
H21 EDO M . -15.19 -28.87 13.09
H22 EDO M . -15.10 -27.14 12.72
HO2 EDO M . -15.50 -28.43 10.84
N GLY N . -13.31 -20.23 15.35
CA GLY N . -14.00 -19.90 16.57
C GLY N . -15.39 -20.52 16.69
O GLY N . -15.60 -21.56 17.34
OXT GLY N . -16.37 -20.00 16.15
HA2 GLY N . -13.48 -20.20 17.34
HA3 GLY N . -14.10 -18.94 16.63
N GLY O . -2.85 -1.27 18.51
CA GLY O . -1.56 -1.85 18.27
C GLY O . -1.58 -2.88 17.17
O GLY O . -2.65 -3.29 16.73
OXT GLY O . -0.54 -3.35 16.70
H1 GLY O . -3.44 -1.46 17.91
H2 GLY O . -3.47 -1.58 17.85
H3 GLY O . -3.00 -1.74 19.33
HA2 GLY O . -0.92 -1.14 18.02
HA3 GLY O . -1.22 -2.26 19.08
C1 MAN P . 40.07 20.59 -15.06
C2 MAN P . 40.52 21.99 -14.55
C3 MAN P . 39.55 23.08 -14.94
C4 MAN P . 39.20 22.98 -16.43
C5 MAN P . 38.68 21.59 -16.74
C6 MAN P . 38.35 21.40 -18.23
O2 MAN P . 41.77 22.37 -15.12
O3 MAN P . 40.07 24.37 -14.68
O4 MAN P . 38.20 23.92 -16.71
O5 MAN P . 39.65 20.59 -16.40
O6 MAN P . 37.94 20.03 -18.43
H1 MAN P . 40.94 19.90 -15.05
H2 MAN P . 40.59 21.96 -13.45
H3 MAN P . 38.63 22.99 -14.37
H4 MAN P . 40.11 23.16 -17.03
H5 MAN P . 37.75 21.43 -16.18
H61 MAN P . 37.57 22.10 -18.51
H62 MAN P . 39.26 21.64 -18.80
HO2 MAN P . 41.75 23.32 -15.30
HO3 MAN P . 39.31 24.97 -14.70
HO4 MAN P . 38.12 23.93 -17.69
HO6 MAN P . 38.67 19.46 -18.16
C1 EDO Q . 21.69 14.26 -2.67
O1 EDO Q . 23.11 14.26 -2.70
C2 EDO Q . 21.13 13.93 -4.06
O2 EDO Q . 21.64 12.65 -4.45
H11 EDO Q . 21.33 13.51 -1.95
H12 EDO Q . 21.32 15.23 -2.35
HO1 EDO Q . 23.46 14.47 -1.82
H21 EDO Q . 20.04 13.90 -4.04
H22 EDO Q . 21.44 14.69 -4.77
HO2 EDO Q . 21.30 12.43 -5.34
C1 EDO R . 17.40 -2.48 -19.23
O1 EDO R . 17.60 -1.07 -19.34
C2 EDO R . 17.07 -2.85 -17.79
O2 EDO R . 15.76 -2.40 -17.45
H11 EDO R . 16.59 -2.79 -19.89
H12 EDO R . 18.32 -3.00 -19.55
HO1 EDO R . 17.81 -0.84 -20.25
H21 EDO R . 17.14 -3.94 -17.67
H22 EDO R . 17.80 -2.40 -17.12
HO2 EDO R . 15.56 -2.65 -16.54
C1 EDO S . 19.68 23.01 -31.06
O1 EDO S . 21.08 22.83 -30.83
C2 EDO S . 19.27 22.28 -32.32
O2 EDO S . 20.02 22.81 -33.42
H11 EDO S . 19.45 24.07 -31.16
H12 EDO S . 19.11 22.62 -30.21
HO1 EDO S . 21.33 23.30 -30.02
H21 EDO S . 19.48 21.21 -32.22
H22 EDO S . 18.20 22.40 -32.51
HO2 EDO S . 19.77 22.35 -34.24
N GLY T . 16.45 19.15 -13.63
CA GLY T . 17.48 19.12 -14.65
C GLY T . 17.27 20.12 -15.77
O GLY T . 16.18 20.22 -16.36
OXT GLY T . 18.18 20.86 -16.14
HA2 GLY T . 18.34 19.29 -14.24
HA3 GLY T . 17.51 18.22 -15.04
N GLY U . 15.37 -2.34 -10.71
CA GLY U . 15.84 -2.15 -9.35
C GLY U . 15.14 -1.00 -8.65
O GLY U . 14.38 -0.27 -9.28
OXT GLY U . 15.30 -0.76 -7.46
H1 GLY U . 15.52 -1.68 -11.23
H2 GLY U . 14.48 -2.70 -10.68
H3 GLY U . 15.35 -1.39 -10.72
HA2 GLY U . 15.70 -2.95 -8.83
HA3 GLY U . 16.80 -1.96 -9.36
N GLY V . 12.37 27.62 -7.60
CA GLY V . 11.98 26.91 -8.81
C GLY V . 12.84 27.32 -9.98
O GLY V . 13.03 28.52 -10.25
OXT GLY V . 13.37 26.47 -10.67
H1 GLY V . 12.73 28.38 -7.74
H2 GLY V . 12.96 27.07 -7.08
H3 GLY V . 12.87 28.30 -8.05
HA2 GLY V . 12.07 25.95 -8.67
HA3 GLY V . 11.05 27.12 -9.01
#